data_1J8Z
#
_entry.id   1J8Z
#
_cell.length_a   ?
_cell.length_b   ?
_cell.length_c   ?
_cell.angle_alpha   ?
_cell.angle_beta   ?
_cell.angle_gamma   ?
#
_entity_poly.entity_id   1
_entity_poly.type   'polypeptide(L)'
_entity_poly.pdbx_seq_one_letter_code
;(ACE)IWG(BCX)SGKLICTTA
;
_entity_poly.pdbx_strand_id   A
#
loop_
_chem_comp.id
_chem_comp.type
_chem_comp.name
_chem_comp.formula
ACE non-polymer 'ACETYL GROUP' 'C2 H4 O'
#
# COMPACT_ATOMS: atom_id res chain seq x y z
C ACE A 1 1.80 11.71 -4.14
O ACE A 1 2.79 11.25 -3.57
CH3 ACE A 1 1.81 11.96 -5.64
H1 ACE A 1 2.79 11.68 -6.08
H2 ACE A 1 1.04 11.37 -6.15
H3 ACE A 1 1.65 13.02 -5.88
N ILE A 2 0.67 12.05 -3.51
CA ILE A 2 0.46 11.87 -2.04
C ILE A 2 -0.65 10.78 -1.92
N TRP A 3 -0.18 9.54 -1.73
CA TRP A 3 -1.04 8.34 -1.60
C TRP A 3 -0.42 7.32 -0.60
N GLY A 4 -1.29 6.51 0.04
CA GLY A 4 -0.85 5.47 1.01
C GLY A 4 -0.52 4.13 0.32
C BCX A 5 -1.86 0.68 -2.71
N BCX A 5 -1.56 3.30 0.11
CB BCX A 5 -1.41 1.98 -0.55
CC BCX A 5 -1.85 0.86 0.44
CA BCX A 5 -2.19 1.94 -1.86
SG BCX A 5 -0.53 0.54 1.62
HB BCX A 5 -0.38 1.80 -0.87
O BCX A 5 -0.71 0.32 -2.93
HA1 BCX A 5 -1.90 2.82 -2.47
HA2 BCX A 5 -3.27 2.06 -1.67
H BCX A 5 -2.46 3.64 0.44
HB2 BCX A 5 -2.79 1.13 0.97
HB3 BCX A 5 -2.06 -0.08 -0.09
N SER A 6 -2.92 0.15 -3.32
CA SER A 6 -2.80 -0.62 -4.59
C SER A 6 -2.57 0.38 -5.78
N GLY A 7 -1.27 0.70 -5.98
CA GLY A 7 -0.83 1.67 -7.00
C GLY A 7 0.51 2.31 -6.56
N LYS A 8 0.54 2.90 -5.33
CA LYS A 8 1.75 3.53 -4.75
C LYS A 8 2.71 2.42 -4.21
N LEU A 9 2.31 1.72 -3.12
CA LEU A 9 3.10 0.64 -2.49
C LEU A 9 2.11 -0.20 -1.66
N ILE A 10 1.87 -1.47 -2.04
CA ILE A 10 0.92 -2.40 -1.35
C ILE A 10 1.16 -2.55 0.19
N CYS A 11 0.06 -2.65 0.96
CA CYS A 11 0.09 -2.77 2.43
C CYS A 11 0.33 -4.25 2.84
N THR A 12 1.61 -4.57 3.08
CA THR A 12 2.08 -5.93 3.48
C THR A 12 1.61 -6.29 4.92
N THR A 13 0.60 -7.17 5.03
CA THR A 13 0.02 -7.61 6.32
C THR A 13 -0.30 -9.12 6.18
N ALA A 14 0.56 -9.96 6.78
CA ALA A 14 0.41 -11.44 6.76
C ALA A 14 -0.41 -11.93 7.96
C ACE A 1 4.64 12.55 1.24
O ACE A 1 5.82 12.26 1.11
CH3 ACE A 1 4.13 13.92 0.76
H1 ACE A 1 3.70 14.51 1.59
H2 ACE A 1 4.95 14.51 0.32
H3 ACE A 1 3.35 13.82 -0.02
N ILE A 2 3.70 11.76 1.79
CA ILE A 2 4.00 10.40 2.30
C ILE A 2 2.98 9.47 1.58
N TRP A 3 3.51 8.60 0.71
CA TRP A 3 2.71 7.62 -0.08
C TRP A 3 2.02 6.53 0.79
N GLY A 4 0.73 6.27 0.50
CA GLY A 4 -0.07 5.26 1.24
C GLY A 4 0.01 3.85 0.64
C BCX A 5 -1.79 0.74 -2.70
N BCX A 5 -1.09 3.39 0.03
CB BCX A 5 -1.17 2.05 -0.57
CC BCX A 5 -1.70 1.00 0.46
CA BCX A 5 -1.97 2.05 -1.87
SG BCX A 5 -0.40 0.55 1.62
HB BCX A 5 -0.18 1.74 -0.91
O BCX A 5 -0.68 0.26 -2.92
HA1 BCX A 5 -1.62 2.89 -2.51
HA2 BCX A 5 -3.03 2.29 -1.66
H BCX A 5 -1.82 4.10 -0.08
HB2 BCX A 5 -2.59 1.37 0.99
HB3 BCX A 5 -2.01 0.07 -0.04
N SER A 6 -2.90 0.30 -3.26
CA SER A 6 -2.89 -0.51 -4.53
C SER A 6 -2.58 0.42 -5.74
N GLY A 7 -1.27 0.61 -5.98
CA GLY A 7 -0.76 1.51 -7.04
C GLY A 7 0.54 2.20 -6.57
N LYS A 8 0.51 2.84 -5.38
CA LYS A 8 1.69 3.52 -4.78
C LYS A 8 2.66 2.47 -4.16
N LEU A 9 2.27 1.75 -3.08
CA LEU A 9 3.13 0.73 -2.42
C LEU A 9 2.17 -0.17 -1.62
N ILE A 10 1.94 -1.44 -2.05
CA ILE A 10 1.00 -2.38 -1.38
C ILE A 10 1.21 -2.58 0.16
N CYS A 11 0.07 -2.64 0.90
CA CYS A 11 0.06 -2.81 2.38
C CYS A 11 0.23 -4.30 2.75
N THR A 12 1.50 -4.69 3.00
CA THR A 12 1.88 -6.08 3.37
C THR A 12 1.35 -6.47 4.79
N THR A 13 0.43 -7.44 4.83
CA THR A 13 -0.17 -7.93 6.10
C THR A 13 -0.38 -9.46 5.91
N ALA A 14 0.34 -10.21 6.74
CA ALA A 14 0.33 -11.69 6.75
C ALA A 14 -0.74 -12.21 7.74
C ACE A 1 4.59 13.26 -0.56
O ACE A 1 3.93 13.88 0.26
CH3 ACE A 1 6.03 13.69 -0.89
H1 ACE A 1 6.12 13.98 -1.96
H2 ACE A 1 6.33 14.56 -0.28
H3 ACE A 1 6.75 12.88 -0.69
N ILE A 2 4.14 12.20 -1.25
CA ILE A 2 2.78 11.63 -1.07
C ILE A 2 2.92 10.10 -1.28
N TRP A 3 2.83 9.36 -0.17
CA TRP A 3 2.97 7.88 -0.15
C TRP A 3 1.91 7.27 0.81
N GLY A 4 1.17 6.27 0.30
CA GLY A 4 0.13 5.57 1.08
C GLY A 4 0.03 4.09 0.65
C BCX A 5 -1.92 0.86 -2.49
N BCX A 5 -1.09 3.71 0.00
CB BCX A 5 -1.29 2.31 -0.45
CC BCX A 5 -2.03 1.48 0.64
CA BCX A 5 -2.01 2.25 -1.81
SG BCX A 5 -1.22 1.53 2.24
HB BCX A 5 -0.32 1.85 -0.68
O BCX A 5 -0.86 0.24 -2.56
HA1 BCX A 5 -1.54 2.97 -2.49
HA2 BCX A 5 -3.05 2.61 -1.68
H BCX A 5 -1.75 4.46 -0.20
HB2 BCX A 5 -3.07 1.83 0.77
HB3 BCX A 5 -2.09 0.41 0.34
N SER A 6 -3.03 0.48 -3.12
CA SER A 6 -3.00 -0.46 -4.29
C SER A 6 -2.58 0.33 -5.56
N GLY A 7 -1.25 0.41 -5.77
CA GLY A 7 -0.64 1.17 -6.89
C GLY A 7 0.62 1.94 -6.42
N LYS A 8 0.50 2.72 -5.32
CA LYS A 8 1.62 3.49 -4.74
C LYS A 8 2.66 2.54 -4.05
N LEU A 9 2.24 1.83 -2.99
CA LEU A 9 3.11 0.89 -2.23
C LEU A 9 2.13 -0.14 -1.61
N ILE A 10 2.09 -1.37 -2.17
CA ILE A 10 1.17 -2.46 -1.68
C ILE A 10 1.30 -2.75 -0.15
N CYS A 11 0.23 -2.45 0.61
CA CYS A 11 0.20 -2.63 2.09
C CYS A 11 -0.31 -4.05 2.48
N THR A 12 0.61 -5.03 2.43
CA THR A 12 0.31 -6.45 2.76
C THR A 12 0.39 -6.67 4.30
N THR A 13 -0.77 -6.84 4.94
CA THR A 13 -0.85 -7.06 6.42
C THR A 13 -0.60 -8.55 6.83
N ALA A 14 -1.33 -9.53 6.25
CA ALA A 14 -1.15 -10.97 6.58
C ALA A 14 -0.10 -11.62 5.63
C ACE A 1 -5.70 7.53 -6.88
O ACE A 1 -6.45 6.56 -6.74
CH3 ACE A 1 -6.04 8.65 -7.85
H1 ACE A 1 -5.29 8.75 -8.65
H2 ACE A 1 -7.02 8.47 -8.33
H3 ACE A 1 -6.12 9.63 -7.33
N ILE A 2 -4.53 7.67 -6.23
CA ILE A 2 -4.02 6.68 -5.24
C ILE A 2 -3.18 7.48 -4.21
N TRP A 3 -3.68 7.54 -2.98
CA TRP A 3 -3.05 8.29 -1.86
C TRP A 3 -3.00 7.37 -0.61
N GLY A 4 -1.78 7.16 -0.09
CA GLY A 4 -1.52 6.30 1.09
C GLY A 4 -0.84 5.01 0.62
C BCX A 5 -1.36 1.13 -2.27
N BCX A 5 -1.65 4.00 0.26
CB BCX A 5 -1.14 2.70 -0.26
CC BCX A 5 -1.17 1.58 0.80
CA BCX A 5 -1.87 2.39 -1.56
SG BCX A 5 -2.79 0.86 1.14
HB BCX A 5 -0.09 2.79 -0.57
O BCX A 5 -0.24 1.08 -2.78
HA1 BCX A 5 -1.72 3.23 -2.27
HA2 BCX A 5 -2.97 2.37 -1.39
H BCX A 5 -2.64 4.23 0.28
HB2 BCX A 5 -0.56 0.74 0.42
HB3 BCX A 5 -0.72 1.92 1.74
N SER A 6 -2.27 0.17 -2.41
CA SER A 6 -2.29 -0.77 -3.56
C SER A 6 -2.43 -0.02 -4.92
N GLY A 7 -1.23 0.32 -5.42
CA GLY A 7 -0.99 1.12 -6.64
C GLY A 7 0.34 1.90 -6.47
N LYS A 8 0.48 2.70 -5.37
CA LYS A 8 1.71 3.46 -5.03
C LYS A 8 2.76 2.48 -4.38
N LEU A 9 2.51 2.03 -3.14
CA LEU A 9 3.37 1.09 -2.38
C LEU A 9 2.37 0.11 -1.69
N ILE A 10 2.21 -1.11 -2.22
CA ILE A 10 1.26 -2.17 -1.73
C ILE A 10 0.96 -2.29 -0.20
N CYS A 11 -0.31 -2.61 0.14
CA CYS A 11 -0.79 -2.74 1.54
C CYS A 11 -0.58 -4.19 2.09
N THR A 12 0.66 -4.49 2.51
CA THR A 12 1.05 -5.82 3.06
C THR A 12 1.46 -5.62 4.54
N THR A 13 0.57 -5.99 5.48
CA THR A 13 0.80 -5.86 6.94
C THR A 13 0.20 -7.13 7.60
N ALA A 14 1.09 -8.07 7.96
CA ALA A 14 0.71 -9.35 8.61
C ALA A 14 1.73 -9.70 9.71
C ACE A 1 5.02 1.90 6.53
O ACE A 1 5.98 2.41 5.95
CH3 ACE A 1 5.07 1.63 8.03
H1 ACE A 1 6.05 1.92 8.45
H2 ACE A 1 4.29 2.20 8.57
H3 ACE A 1 4.93 0.56 8.26
N ILE A 2 3.88 1.54 5.92
CA ILE A 2 3.64 1.73 4.46
C ILE A 2 2.51 2.80 4.36
N TRP A 3 2.94 4.05 4.10
CA TRP A 3 2.07 5.23 3.99
C TRP A 3 1.69 5.44 2.49
N GLY A 4 0.41 5.16 2.17
CA GLY A 4 -0.10 5.29 0.78
C GLY A 4 -0.12 3.90 0.12
C BCX A 5 -1.90 0.63 -2.74
N BCX A 5 -1.32 3.27 0.04
CB BCX A 5 -1.46 1.91 -0.53
CC BCX A 5 -2.22 1.00 0.47
CA BCX A 5 -2.10 1.95 -1.94
SG BCX A 5 -1.67 1.20 2.17
HB BCX A 5 -0.47 1.47 -0.74
O BCX A 5 -0.78 0.11 -2.86
HA1 BCX A 5 -1.63 2.76 -2.53
HA2 BCX A 5 -3.16 2.25 -1.85
H BCX A 5 -2.10 3.78 0.45
HB2 BCX A 5 -3.31 1.21 0.44
HB3 BCX A 5 -2.11 -0.07 0.19
N SER A 6 -2.97 0.22 -3.42
CA SER A 6 -2.86 -0.55 -4.69
C SER A 6 -2.56 0.45 -5.84
N GLY A 7 -1.25 0.68 -6.06
CA GLY A 7 -0.74 1.66 -7.06
C GLY A 7 0.53 2.37 -6.52
N LYS A 8 0.46 2.91 -5.27
CA LYS A 8 1.61 3.57 -4.61
C LYS A 8 2.60 2.48 -4.10
N LEU A 9 2.22 1.64 -3.11
CA LEU A 9 3.07 0.56 -2.56
C LEU A 9 2.12 -0.33 -1.70
N ILE A 10 1.92 -1.60 -2.08
CA ILE A 10 1.01 -2.54 -1.36
C ILE A 10 1.31 -2.69 0.17
N CYS A 11 0.24 -2.58 0.99
CA CYS A 11 0.33 -2.66 2.46
C CYS A 11 0.02 -4.09 2.97
N THR A 12 1.11 -4.86 3.16
CA THR A 12 1.03 -6.27 3.64
C THR A 12 0.62 -6.33 5.15
N THR A 13 -0.64 -6.70 5.41
CA THR A 13 -1.21 -6.80 6.78
C THR A 13 -2.14 -8.04 6.81
N ALA A 14 -1.65 -9.14 7.42
CA ALA A 14 -2.40 -10.41 7.53
C ALA A 14 -3.37 -10.43 8.74
C ACE A 1 -2.58 0.43 6.05
O ACE A 1 -2.69 0.46 4.82
CH3 ACE A 1 -2.37 -0.89 6.78
H1 ACE A 1 -2.24 -1.72 6.06
H2 ACE A 1 -1.47 -0.86 7.41
H3 ACE A 1 -3.23 -1.14 7.42
N ILE A 2 -2.63 1.51 6.84
CA ILE A 2 -2.83 2.91 6.30
C ILE A 2 -1.48 3.67 6.20
N TRP A 3 -0.71 3.38 5.13
CA TRP A 3 0.62 3.98 4.86
C TRP A 3 0.88 4.10 3.33
N GLY A 4 0.06 4.89 2.60
CA GLY A 4 0.20 5.08 1.13
C GLY A 4 0.09 3.76 0.32
C BCX A 5 -1.93 0.69 -2.69
N BCX A 5 -1.14 3.24 0.15
CB BCX A 5 -1.36 1.94 -0.51
CC BCX A 5 -2.10 1.02 0.49
CA BCX A 5 -2.06 2.01 -1.88
SG BCX A 5 -1.47 1.20 2.18
HB BCX A 5 -0.40 1.48 -0.77
O BCX A 5 -0.85 0.11 -2.82
HA1 BCX A 5 -1.58 2.81 -2.48
HA2 BCX A 5 -3.10 2.35 -1.75
H BCX A 5 -1.90 3.76 0.61
HB2 BCX A 5 -3.18 1.24 0.51
HB3 BCX A 5 -2.00 -0.04 0.19
N SER A 6 -3.03 0.34 -3.35
CA SER A 6 -2.98 -0.46 -4.61
C SER A 6 -2.59 0.46 -5.80
N GLY A 7 -1.26 0.60 -6.00
CA GLY A 7 -0.70 1.50 -7.04
C GLY A 7 0.57 2.21 -6.52
N LYS A 8 0.48 2.83 -5.32
CA LYS A 8 1.60 3.53 -4.65
C LYS A 8 2.63 2.50 -4.11
N LEU A 9 2.25 1.71 -3.07
CA LEU A 9 3.11 0.69 -2.44
C LEU A 9 2.15 -0.24 -1.64
N ILE A 10 1.97 -1.50 -2.09
CA ILE A 10 1.07 -2.49 -1.42
C ILE A 10 1.32 -2.65 0.12
N CYS A 11 0.24 -2.64 0.90
CA CYS A 11 0.31 -2.74 2.38
C CYS A 11 -0.06 -4.15 2.89
N THR A 12 0.93 -5.06 2.87
CA THR A 12 0.77 -6.48 3.32
C THR A 12 2.18 -7.07 3.59
N THR A 13 2.37 -7.53 4.84
CA THR A 13 3.65 -8.15 5.29
C THR A 13 3.74 -9.67 4.96
N ALA A 14 2.75 -10.51 5.35
CA ALA A 14 2.77 -11.97 5.07
C ALA A 14 1.35 -12.39 4.64
C ACE A 1 2.27 11.40 -1.76
O ACE A 1 2.70 11.26 -0.61
CH3 ACE A 1 3.22 11.50 -2.94
H1 ACE A 1 3.10 12.46 -3.48
H2 ACE A 1 4.28 11.44 -2.61
H3 ACE A 1 3.06 10.68 -3.66
N ILE A 2 0.97 11.47 -2.06
CA ILE A 2 -0.12 11.39 -1.06
C ILE A 2 -1.16 10.38 -1.61
N TRP A 3 -1.17 9.16 -1.02
CA TRP A 3 -2.08 8.07 -1.42
C TRP A 3 -2.26 7.01 -0.30
N GLY A 4 -1.19 6.29 0.07
CA GLY A 4 -1.23 5.25 1.11
C GLY A 4 -0.84 3.86 0.57
C BCX A 5 -1.88 0.48 -2.72
N BCX A 5 -1.86 3.11 0.10
CB BCX A 5 -1.66 1.75 -0.47
CC BCX A 5 -2.33 0.73 0.47
CA BCX A 5 -2.23 1.74 -1.89
SG BCX A 5 -1.86 0.95 2.20
HB BCX A 5 -0.60 1.50 -0.59
O BCX A 5 -0.71 0.12 -2.86
HA1 BCX A 5 -1.79 2.58 -2.44
HA2 BCX A 5 -3.31 1.95 -1.87
H BCX A 5 -2.77 3.59 0.11
HB2 BCX A 5 -3.43 0.78 0.44
HB3 BCX A 5 -2.05 -0.31 0.19
N SER A 6 -2.90 -0.03 -3.41
CA SER A 6 -2.71 -0.76 -4.71
C SER A 6 -2.52 0.32 -5.83
N GLY A 7 -1.26 0.74 -5.99
CA GLY A 7 -0.87 1.81 -6.93
C GLY A 7 0.43 2.48 -6.42
N LYS A 8 0.45 2.96 -5.16
CA LYS A 8 1.65 3.57 -4.52
C LYS A 8 2.66 2.43 -4.14
N LEU A 9 2.30 1.61 -3.13
CA LEU A 9 3.12 0.49 -2.64
C LEU A 9 2.14 -0.36 -1.78
N ILE A 10 1.89 -1.63 -2.17
CA ILE A 10 0.95 -2.54 -1.43
C ILE A 10 1.29 -2.66 0.09
N CYS A 11 0.26 -2.53 0.95
CA CYS A 11 0.44 -2.59 2.42
C CYS A 11 -0.27 -3.84 3.01
N THR A 12 0.47 -4.96 3.06
CA THR A 12 -0.05 -6.26 3.59
C THR A 12 0.03 -6.28 5.14
N THR A 13 -1.12 -6.07 5.79
CA THR A 13 -1.24 -6.05 7.27
C THR A 13 -2.56 -6.78 7.65
N ALA A 14 -2.43 -8.03 8.11
CA ALA A 14 -3.58 -8.88 8.50
C ALA A 14 -3.94 -8.65 9.98
C ACE A 1 -6.24 10.55 -2.50
O ACE A 1 -6.68 10.23 -1.39
CH3 ACE A 1 -6.53 11.92 -3.09
H1 ACE A 1 -5.60 12.49 -3.29
H2 ACE A 1 -7.10 11.85 -4.04
H3 ACE A 1 -7.14 12.54 -2.39
N ILE A 2 -5.49 9.75 -3.27
CA ILE A 2 -5.09 8.37 -2.87
C ILE A 2 -3.53 8.41 -2.80
N TRP A 3 -3.03 8.56 -1.57
CA TRP A 3 -1.58 8.64 -1.28
C TRP A 3 -1.29 7.78 -0.01
N GLY A 4 -0.90 6.52 -0.24
CA GLY A 4 -0.59 5.56 0.84
C GLY A 4 -0.34 4.18 0.25
C BCX A 5 -1.84 0.71 -2.68
N BCX A 5 -1.42 3.41 0.03
CB BCX A 5 -1.34 2.05 -0.55
CC BCX A 5 -1.82 0.99 0.48
CA BCX A 5 -2.13 1.99 -1.86
SG BCX A 5 -0.46 0.61 1.61
HB BCX A 5 -0.33 1.82 -0.88
O BCX A 5 -0.69 0.32 -2.89
HA1 BCX A 5 -1.83 2.84 -2.50
HA2 BCX A 5 -3.22 2.15 -1.66
H BCX A 5 -2.32 3.85 0.27
HB2 BCX A 5 -2.72 1.32 1.04
HB3 BCX A 5 -2.10 0.05 -0.01
N SER A 6 -2.91 0.16 -3.26
CA SER A 6 -2.82 -0.62 -4.51
C SER A 6 -2.57 0.33 -5.73
N GLY A 7 -1.29 0.64 -5.93
CA GLY A 7 -0.82 1.60 -6.97
C GLY A 7 0.51 2.26 -6.53
N LYS A 8 0.54 2.88 -5.33
CA LYS A 8 1.75 3.52 -4.77
C LYS A 8 2.71 2.43 -4.21
N LEU A 9 2.34 1.75 -3.11
CA LEU A 9 3.15 0.71 -2.45
C LEU A 9 2.14 -0.17 -1.65
N ILE A 10 1.93 -1.43 -2.07
CA ILE A 10 0.96 -2.37 -1.42
C ILE A 10 1.15 -2.53 0.14
N CYS A 11 0.04 -2.61 0.88
CA CYS A 11 0.04 -2.76 2.36
C CYS A 11 0.23 -4.27 2.74
N THR A 12 1.50 -4.72 2.74
CA THR A 12 1.89 -6.11 3.06
C THR A 12 2.51 -6.22 4.48
N THR A 13 2.16 -7.32 5.17
CA THR A 13 2.65 -7.63 6.54
C THR A 13 3.85 -8.60 6.40
N ALA A 14 5.05 -8.01 6.35
CA ALA A 14 6.33 -8.75 6.22
C ALA A 14 7.42 -8.06 7.06
C ACE A 1 6.67 10.96 2.60
O ACE A 1 6.17 11.25 3.69
CH3 ACE A 1 8.18 10.85 2.43
H1 ACE A 1 8.70 11.06 3.39
H2 ACE A 1 8.48 9.84 2.11
H3 ACE A 1 8.55 11.57 1.68
N ILE A 2 5.95 10.72 1.50
CA ILE A 2 4.45 10.78 1.45
C ILE A 2 3.99 9.65 0.50
N TRP A 3 3.44 8.59 1.11
CA TRP A 3 2.96 7.38 0.39
C TRP A 3 1.92 6.60 1.24
N GLY A 4 0.85 6.14 0.58
CA GLY A 4 -0.22 5.35 1.22
C GLY A 4 -0.15 3.88 0.77
C BCX A 5 -1.72 0.71 -2.68
N BCX A 5 -1.13 3.44 -0.03
CB BCX A 5 -1.19 2.05 -0.56
CC BCX A 5 -1.72 1.03 0.49
CA BCX A 5 -1.96 2.01 -1.88
SG BCX A 5 -0.38 0.53 1.59
HB BCX A 5 -0.17 1.73 -0.86
O BCX A 5 -0.58 0.31 -2.93
HA1 BCX A 5 -1.62 2.85 -2.52
HA2 BCX A 5 -3.03 2.22 -1.69
H BCX A 5 -1.78 4.17 -0.32
HB2 BCX A 5 -2.57 1.44 1.07
HB3 BCX A 5 -2.10 0.12 0.01
N SER A 6 -2.81 0.19 -3.23
CA SER A 6 -2.77 -0.61 -4.49
C SER A 6 -2.55 0.35 -5.69
N GLY A 7 -1.26 0.64 -5.96
CA GLY A 7 -0.83 1.59 -7.01
C GLY A 7 0.48 2.29 -6.57
N LYS A 8 0.49 2.87 -5.35
CA LYS A 8 1.68 3.54 -4.75
C LYS A 8 2.67 2.44 -4.25
N LEU A 9 2.33 1.74 -3.14
CA LEU A 9 3.18 0.68 -2.55
C LEU A 9 2.24 -0.16 -1.64
N ILE A 10 1.91 -1.40 -2.08
CA ILE A 10 0.98 -2.33 -1.35
C ILE A 10 1.16 -2.51 0.19
N CYS A 11 0.02 -2.65 0.91
CA CYS A 11 -0.01 -2.83 2.38
C CYS A 11 0.13 -4.33 2.80
N THR A 12 1.34 -4.88 2.61
CA THR A 12 1.71 -6.28 2.94
C THR A 12 3.22 -6.26 3.35
N THR A 13 4.15 -5.94 2.42
CA THR A 13 5.61 -5.84 2.69
C THR A 13 6.00 -4.47 3.32
N ALA A 14 5.51 -3.32 2.77
CA ALA A 14 5.82 -1.97 3.31
C ALA A 14 4.53 -1.11 3.21
C ACE A 1 2.56 3.50 8.96
O ACE A 1 1.53 2.88 8.73
CH3 ACE A 1 3.64 2.91 9.85
H1 ACE A 1 4.59 2.75 9.30
H2 ACE A 1 3.86 3.57 10.72
H3 ACE A 1 3.33 1.93 10.26
N ILE A 2 2.83 4.71 8.45
CA ILE A 2 1.90 5.46 7.54
C ILE A 2 2.18 5.10 6.04
N TRP A 3 1.69 3.92 5.62
CA TRP A 3 1.87 3.40 4.24
C TRP A 3 0.68 3.81 3.35
N GLY A 4 0.97 4.55 2.26
CA GLY A 4 -0.05 5.00 1.28
C GLY A 4 -0.19 3.90 0.20
C BCX A 5 -2.33 0.86 -2.61
N BCX A 5 -1.13 2.99 0.43
CB BCX A 5 -1.36 1.82 -0.45
CC BCX A 5 -1.78 0.65 0.46
CA BCX A 5 -2.38 2.03 -1.58
SG BCX A 5 -0.53 0.29 1.72
HB BCX A 5 -0.44 1.61 -1.01
O BCX A 5 -1.45 -0.01 -2.60
HA1 BCX A 5 -2.14 2.98 -2.10
HA2 BCX A 5 -3.39 2.15 -1.14
H BCX A 5 -1.52 3.05 1.38
HB2 BCX A 5 -2.76 0.85 0.94
HB3 BCX A 5 -1.94 -0.28 -0.13
N SER A 6 -3.26 0.90 -3.55
CA SER A 6 -3.31 -0.05 -4.68
C SER A 6 -2.66 0.62 -5.93
N GLY A 7 -1.32 0.51 -6.00
CA GLY A 7 -0.52 1.13 -7.08
C GLY A 7 0.73 1.87 -6.53
N LYS A 8 0.55 2.69 -5.49
CA LYS A 8 1.63 3.45 -4.82
C LYS A 8 2.60 2.53 -4.02
N LEU A 9 2.11 1.78 -2.99
CA LEU A 9 2.96 0.90 -2.16
C LEU A 9 2.03 -0.15 -1.49
N ILE A 10 2.01 -1.40 -1.96
CA ILE A 10 1.15 -2.49 -1.38
C ILE A 10 1.33 -2.66 0.17
N CYS A 11 0.21 -2.83 0.88
CA CYS A 11 0.19 -2.96 2.36
C CYS A 11 0.64 -4.37 2.85
N THR A 12 1.96 -4.50 3.03
CA THR A 12 2.63 -5.74 3.48
C THR A 12 3.60 -5.33 4.62
N THR A 13 3.18 -5.56 5.87
CA THR A 13 3.97 -5.22 7.09
C THR A 13 3.84 -6.41 8.08
N ALA A 14 4.90 -7.23 8.15
CA ALA A 14 4.94 -8.42 9.04
C ALA A 14 5.38 -8.07 10.49
C ACE A 1 4.14 3.61 7.86
O ACE A 1 5.22 3.84 7.30
CH3 ACE A 1 4.08 3.50 9.38
H1 ACE A 1 5.07 3.65 9.84
H2 ACE A 1 3.39 4.25 9.81
H3 ACE A 1 3.73 2.50 9.70
N ILE A 2 2.98 3.44 7.22
CA ILE A 2 2.84 3.52 5.74
C ILE A 2 1.47 4.20 5.43
N TRP A 3 1.55 5.47 5.02
CA TRP A 3 0.37 6.30 4.68
C TRP A 3 0.33 6.46 3.13
N GLY A 4 -0.26 5.45 2.46
CA GLY A 4 -0.39 5.42 0.99
C GLY A 4 -0.28 3.96 0.52
C BCX A 5 -1.82 0.46 -2.25
N BCX A 5 -1.42 3.30 0.31
CB BCX A 5 -1.47 1.89 -0.15
CC BCX A 5 -2.14 1.03 0.94
CA BCX A 5 -2.15 1.78 -1.52
SG BCX A 5 -1.09 1.01 2.41
HB BCX A 5 -0.46 1.49 -0.33
O BCX A 5 -0.66 0.08 -2.40
HA1 BCX A 5 -1.78 2.60 -2.18
HA2 BCX A 5 -3.23 1.97 -1.42
H BCX A 5 -2.28 3.84 0.49
HB2 BCX A 5 -3.15 1.41 1.21
HB3 BCX A 5 -2.29 -0.02 0.61
N SER A 6 -2.87 -0.11 -2.85
CA SER A 6 -2.70 -0.94 -4.09
C SER A 6 -2.52 0.02 -5.31
N GLY A 7 -1.26 0.43 -5.52
CA GLY A 7 -0.87 1.39 -6.57
C GLY A 7 0.38 2.18 -6.17
N LYS A 8 0.39 2.79 -4.96
CA LYS A 8 1.55 3.56 -4.41
C LYS A 8 2.69 2.57 -4.00
N LEU A 9 2.44 1.72 -2.99
CA LEU A 9 3.38 0.69 -2.49
C LEU A 9 2.41 -0.34 -1.84
N ILE A 10 2.30 -1.56 -2.41
CA ILE A 10 1.37 -2.63 -1.93
C ILE A 10 1.37 -2.89 -0.38
N CYS A 11 0.31 -2.37 0.27
CA CYS A 11 0.10 -2.50 1.73
C CYS A 11 -1.41 -2.53 2.12
N THR A 12 -2.18 -3.50 1.57
CA THR A 12 -3.63 -3.65 1.86
C THR A 12 -3.97 -4.08 3.32
N THR A 13 -3.33 -5.16 3.80
CA THR A 13 -3.50 -5.69 5.18
C THR A 13 -2.29 -5.24 6.07
N ALA A 14 -1.02 -5.57 5.72
CA ALA A 14 0.16 -5.16 6.52
C ALA A 14 0.80 -3.91 5.86
C ACE A 1 -4.90 8.37 -6.42
O ACE A 1 -5.90 8.13 -5.74
CH3 ACE A 1 -4.94 9.44 -7.52
H1 ACE A 1 -4.73 9.00 -8.51
H2 ACE A 1 -5.94 9.91 -7.57
H3 ACE A 1 -4.21 10.24 -7.32
N ILE A 2 -3.73 7.73 -6.30
CA ILE A 2 -3.49 6.66 -5.28
C ILE A 2 -2.28 7.18 -4.46
N TRP A 3 -2.58 7.59 -3.21
CA TRP A 3 -1.59 8.13 -2.26
C TRP A 3 -1.70 7.32 -0.93
N GLY A 4 -0.61 6.64 -0.58
CA GLY A 4 -0.53 5.79 0.64
C GLY A 4 -0.33 4.33 0.20
C BCX A 5 -1.61 0.82 -2.66
N BCX A 5 -1.44 3.61 -0.04
CB BCX A 5 -1.42 2.20 -0.50
CC BCX A 5 -2.32 1.32 0.41
CA BCX A 5 -1.83 2.17 -1.98
SG BCX A 5 -2.11 -0.44 0.08
HB BCX A 5 -0.38 1.82 -0.49
O BCX A 5 -0.49 0.40 -2.92
HA1 BCX A 5 -1.22 2.90 -2.54
HA2 BCX A 5 -2.87 2.55 -2.08
H BCX A 5 -2.32 4.13 0.07
HB2 BCX A 5 -2.06 1.45 1.48
HB3 BCX A 5 -3.38 1.55 0.28
N SER A 6 -2.75 0.24 -3.07
CA SER A 6 -2.80 -0.60 -4.30
C SER A 6 -2.58 0.29 -5.56
N GLY A 7 -1.28 0.51 -5.85
CA GLY A 7 -0.80 1.41 -6.93
C GLY A 7 0.47 2.16 -6.48
N LYS A 8 0.45 2.80 -5.28
CA LYS A 8 1.62 3.52 -4.71
C LYS A 8 2.67 2.51 -4.15
N LEU A 9 2.32 1.77 -3.08
CA LEU A 9 3.20 0.78 -2.42
C LEU A 9 2.22 -0.18 -1.68
N ILE A 10 2.11 -1.44 -2.14
CA ILE A 10 1.17 -2.45 -1.55
C ILE A 10 1.27 -2.64 0.00
N CYS A 11 0.12 -2.49 0.69
CA CYS A 11 0.01 -2.62 2.16
C CYS A 11 -0.38 -4.09 2.54
N THR A 12 0.61 -4.98 2.46
CA THR A 12 0.45 -6.44 2.78
C THR A 12 1.77 -7.15 3.21
N THR A 13 2.91 -6.79 2.61
CA THR A 13 4.24 -7.37 2.93
C THR A 13 5.01 -6.36 3.84
N ALA A 14 4.92 -6.60 5.16
CA ALA A 14 5.56 -5.75 6.19
C ALA A 14 7.01 -6.24 6.47
C ACE A 1 -3.35 9.94 -6.87
O ACE A 1 -4.55 9.82 -6.64
CH3 ACE A 1 -2.87 11.01 -7.87
H1 ACE A 1 -2.29 10.55 -8.69
H2 ACE A 1 -3.72 11.53 -8.32
H3 ACE A 1 -2.23 11.76 -7.37
N ILE A 2 -2.39 9.19 -6.34
CA ILE A 2 -2.65 8.11 -5.34
C ILE A 2 -1.44 8.13 -4.37
N TRP A 3 -1.70 8.58 -3.14
CA TRP A 3 -0.68 8.70 -2.06
C TRP A 3 -1.15 7.92 -0.81
N GLY A 4 -0.49 6.78 -0.54
CA GLY A 4 -0.80 5.90 0.60
C GLY A 4 -0.50 4.45 0.20
C BCX A 5 -1.63 0.85 -2.65
N BCX A 5 -1.58 3.69 -0.09
CB BCX A 5 -1.48 2.27 -0.52
CC BCX A 5 -2.33 1.37 0.40
CA BCX A 5 -1.89 2.20 -1.99
SG BCX A 5 -2.11 -0.39 0.08
HB BCX A 5 -0.42 1.94 -0.52
O BCX A 5 -0.49 0.46 -2.92
HA1 BCX A 5 -1.32 2.95 -2.57
HA2 BCX A 5 -2.94 2.53 -2.09
H BCX A 5 -2.48 4.17 -0.01
HB2 BCX A 5 -2.05 1.51 1.46
HB3 BCX A 5 -3.40 1.57 0.29
N SER A 6 -2.74 0.23 -3.05
CA SER A 6 -2.77 -0.63 -4.27
C SER A 6 -2.57 0.26 -5.54
N GLY A 7 -1.28 0.52 -5.82
CA GLY A 7 -0.84 1.42 -6.91
C GLY A 7 0.46 2.15 -6.47
N LYS A 8 0.46 2.80 -5.28
CA LYS A 8 1.64 3.50 -4.72
C LYS A 8 2.68 2.48 -4.13
N LEU A 9 2.32 1.78 -3.04
CA LEU A 9 3.19 0.79 -2.36
C LEU A 9 2.19 -0.18 -1.67
N ILE A 10 2.11 -1.44 -2.15
CA ILE A 10 1.17 -2.47 -1.61
C ILE A 10 1.26 -2.68 -0.05
N CYS A 11 0.14 -2.44 0.65
CA CYS A 11 0.03 -2.58 2.12
C CYS A 11 -0.39 -4.02 2.52
N THR A 12 0.58 -4.93 2.55
CA THR A 12 0.37 -6.37 2.90
C THR A 12 0.36 -6.54 4.46
N THR A 13 -0.84 -6.70 5.02
CA THR A 13 -1.04 -6.84 6.49
C THR A 13 -2.14 -7.94 6.69
N ALA A 14 -1.70 -9.15 7.05
CA ALA A 14 -2.60 -10.32 7.28
C ALA A 14 -3.04 -10.38 8.76
C ACE A 1 -4.00 14.23 -0.36
O ACE A 1 -3.49 14.74 -1.35
CH3 ACE A 1 -5.16 14.92 0.36
H1 ACE A 1 -5.43 15.87 -0.14
H2 ACE A 1 -6.06 14.29 0.36
H3 ACE A 1 -4.91 15.16 1.41
N ILE A 2 -3.61 13.07 0.18
CA ILE A 2 -2.50 12.25 -0.38
C ILE A 2 -2.74 10.77 0.05
N TRP A 3 -2.96 9.90 -0.95
CA TRP A 3 -3.21 8.45 -0.73
C TRP A 3 -1.94 7.66 -0.31
N GLY A 4 -2.13 6.63 0.55
CA GLY A 4 -1.03 5.79 1.05
C GLY A 4 -0.76 4.46 0.30
C BCX A 5 -2.03 0.83 -2.49
N BCX A 5 -1.74 3.55 0.29
CB BCX A 5 -1.63 2.22 -0.35
CC BCX A 5 -2.27 1.21 0.64
CA BCX A 5 -2.25 2.17 -1.75
SG BCX A 5 -1.54 1.30 2.29
HB BCX A 5 -0.58 1.94 -0.54
O BCX A 5 -0.91 0.31 -2.57
HA1 BCX A 5 -1.79 2.97 -2.36
HA2 BCX A 5 -3.32 2.45 -1.68
H BCX A 5 -2.58 3.81 0.82
HB2 BCX A 5 -3.36 1.37 0.74
HB3 BCX A 5 -2.14 0.17 0.27
N SER A 6 -3.09 0.39 -3.17
CA SER A 6 -2.97 -0.49 -4.37
C SER A 6 -2.56 0.34 -5.62
N GLY A 7 -1.24 0.46 -5.81
CA GLY A 7 -0.64 1.25 -6.91
C GLY A 7 0.61 2.02 -6.44
N LYS A 8 0.51 2.77 -5.31
CA LYS A 8 1.64 3.52 -4.72
C LYS A 8 2.68 2.53 -4.10
N LEU A 9 2.28 1.80 -3.04
CA LEU A 9 3.13 0.83 -2.33
C LEU A 9 2.11 -0.14 -1.67
N ILE A 10 2.01 -1.39 -2.15
CA ILE A 10 1.05 -2.40 -1.59
C ILE A 10 1.27 -2.65 -0.07
N CYS A 11 0.18 -2.54 0.71
CA CYS A 11 0.21 -2.70 2.17
C CYS A 11 -0.15 -4.14 2.61
N THR A 12 0.89 -4.99 2.70
CA THR A 12 0.73 -6.43 3.10
C THR A 12 0.39 -6.65 4.61
N THR A 13 1.20 -6.09 5.52
CA THR A 13 1.02 -6.20 6.98
C THR A 13 0.43 -4.89 7.61
N ALA A 14 1.05 -3.70 7.41
CA ALA A 14 0.53 -2.42 7.96
C ALA A 14 -0.33 -1.68 6.92
C ACE A 1 -5.08 8.76 -4.80
O ACE A 1 -5.37 9.38 -3.78
CH3 ACE A 1 -5.22 9.41 -6.18
H1 ACE A 1 -5.89 8.83 -6.84
H2 ACE A 1 -5.63 10.44 -6.09
H3 ACE A 1 -4.23 9.50 -6.68
N ILE A 2 -4.62 7.50 -4.81
CA ILE A 2 -4.41 6.69 -3.57
C ILE A 2 -2.96 6.84 -3.04
N TRP A 3 -2.68 7.96 -2.34
CA TRP A 3 -1.34 8.26 -1.78
C TRP A 3 -1.19 7.59 -0.39
N GLY A 4 -0.56 6.40 -0.41
CA GLY A 4 -0.33 5.56 0.79
C GLY A 4 -0.21 4.10 0.33
C BCX A 5 -1.90 0.67 -2.50
N BCX A 5 -1.37 3.46 0.10
CB BCX A 5 -1.44 2.06 -0.37
CC BCX A 5 -2.16 1.18 0.67
CA BCX A 5 -2.09 2.01 -1.76
SG BCX A 5 -1.42 1.30 2.30
HB BCX A 5 -0.43 1.64 -0.54
O BCX A 5 -0.78 0.16 -2.63
HA1 BCX A 5 -1.62 2.79 -2.40
HA2 BCX A 5 -3.15 2.32 -1.68
H BCX A 5 -2.22 4.01 0.26
HB2 BCX A 5 -3.23 1.43 0.77
HB3 BCX A 5 -2.12 0.11 0.38
N SER A 6 -2.98 0.22 -3.15
CA SER A 6 -2.89 -0.62 -4.37
C SER A 6 -2.56 0.29 -5.58
N GLY A 7 -1.25 0.48 -5.80
CA GLY A 7 -0.71 1.37 -6.86
C GLY A 7 0.55 2.12 -6.37
N LYS A 8 0.47 2.80 -5.21
CA LYS A 8 1.60 3.53 -4.59
C LYS A 8 2.66 2.55 -4.01
N LEU A 9 2.27 1.74 -2.99
CA LEU A 9 3.14 0.75 -2.34
C LEU A 9 2.15 -0.25 -1.70
N ILE A 10 2.05 -1.49 -2.25
CA ILE A 10 1.10 -2.55 -1.75
C ILE A 10 1.30 -2.83 -0.21
N CYS A 11 0.32 -2.41 0.61
CA CYS A 11 0.38 -2.55 2.09
C CYS A 11 -0.57 -3.66 2.67
N THR A 12 -0.30 -4.93 2.31
CA THR A 12 -1.10 -6.09 2.79
C THR A 12 -0.49 -6.63 4.12
N THR A 13 -1.13 -6.28 5.25
CA THR A 13 -0.66 -6.70 6.60
C THR A 13 -1.93 -7.08 7.42
N ALA A 14 -2.18 -8.39 7.54
CA ALA A 14 -3.34 -8.93 8.29
C ALA A 14 -2.91 -10.20 9.05
C ACE A 1 -3.47 4.26 -5.44
O ACE A 1 -2.61 3.74 -4.72
CH3 ACE A 1 -4.82 3.58 -5.62
H1 ACE A 1 -5.66 4.26 -5.38
H2 ACE A 1 -4.95 3.23 -6.67
H3 ACE A 1 -4.91 2.69 -4.97
N ILE A 2 -3.32 5.41 -6.08
CA ILE A 2 -2.05 6.23 -6.01
C ILE A 2 -2.14 7.33 -4.91
N TRP A 3 -2.03 6.90 -3.63
CA TRP A 3 -2.08 7.77 -2.44
C TRP A 3 -1.12 7.13 -1.40
N GLY A 4 -1.64 6.40 -0.41
CA GLY A 4 -0.82 5.70 0.61
C GLY A 4 -0.47 4.27 0.12
C BCX A 5 -1.78 0.68 -2.69
N BCX A 5 -1.49 3.42 -0.05
CB BCX A 5 -1.35 2.03 -0.56
CC BCX A 5 -1.82 1.00 0.48
CA BCX A 5 -2.10 1.95 -1.89
SG BCX A 5 -0.45 0.62 1.60
HB BCX A 5 -0.31 1.82 -0.84
O BCX A 5 -0.62 0.32 -2.93
HA1 BCX A 5 -1.79 2.80 -2.53
HA2 BCX A 5 -3.18 2.10 -1.71
H BCX A 5 -2.42 3.86 0.04
HB2 BCX A 5 -2.71 1.34 1.05
HB3 BCX A 5 -2.12 0.05 0.01
N SER A 6 -2.84 0.11 -3.27
CA SER A 6 -2.74 -0.68 -4.54
C SER A 6 -2.55 0.31 -5.73
N GLY A 7 -1.28 0.69 -5.94
CA GLY A 7 -0.88 1.67 -6.96
C GLY A 7 0.46 2.34 -6.54
N LYS A 8 0.52 2.91 -5.31
CA LYS A 8 1.73 3.53 -4.74
C LYS A 8 2.71 2.41 -4.23
N LEU A 9 2.35 1.71 -3.13
CA LEU A 9 3.17 0.64 -2.53
C LEU A 9 2.17 -0.20 -1.67
N ILE A 10 1.91 -1.45 -2.07
CA ILE A 10 0.95 -2.37 -1.38
C ILE A 10 1.14 -2.51 0.17
N CYS A 11 0.02 -2.61 0.92
CA CYS A 11 0.03 -2.75 2.39
C CYS A 11 0.19 -4.26 2.78
N THR A 12 1.46 -4.69 2.90
CA THR A 12 1.81 -6.09 3.26
C THR A 12 1.55 -6.35 4.78
N THR A 13 0.47 -7.10 5.07
CA THR A 13 0.06 -7.43 6.47
C THR A 13 -0.42 -8.90 6.46
N ALA A 14 0.44 -9.81 6.95
CA ALA A 14 0.15 -11.26 7.01
C ALA A 14 -0.58 -11.61 8.34
C ACE A 1 3.56 -0.68 3.12
O ACE A 1 2.75 -0.33 2.27
CH3 ACE A 1 4.85 -1.41 2.73
H1 ACE A 1 5.74 -0.78 2.89
H2 ACE A 1 4.96 -2.35 3.31
H3 ACE A 1 4.82 -1.70 1.67
N ILE A 2 3.43 -0.41 4.43
CA ILE A 2 2.24 0.29 5.01
C ILE A 2 2.41 1.84 5.12
N TRP A 3 2.60 2.52 3.97
CA TRP A 3 2.77 4.00 3.88
C TRP A 3 2.21 4.45 2.50
N GLY A 4 0.89 4.75 2.44
CA GLY A 4 0.23 5.16 1.17
C GLY A 4 0.04 3.95 0.24
C BCX A 5 -2.29 0.90 -2.55
N BCX A 5 -1.11 3.26 0.33
CB BCX A 5 -1.36 2.04 -0.46
CC BCX A 5 -1.85 0.96 0.55
CA BCX A 5 -2.33 2.16 -1.63
SG BCX A 5 -0.50 0.51 1.66
HB BCX A 5 -0.44 1.71 -0.97
O BCX A 5 -1.40 0.04 -2.46
HA1 BCX A 5 -2.03 3.04 -2.23
HA2 BCX A 5 -3.35 2.36 -1.25
H BCX A 5 -1.75 3.59 1.06
HB2 BCX A 5 -2.74 1.32 1.12
HB3 BCX A 5 -2.20 0.05 0.04
N SER A 6 -3.23 0.84 -3.46
CA SER A 6 -3.24 -0.18 -4.55
C SER A 6 -2.65 0.49 -5.83
N GLY A 7 -1.31 0.48 -5.90
CA GLY A 7 -0.56 1.13 -7.01
C GLY A 7 0.70 1.88 -6.50
N LYS A 8 0.54 2.69 -5.43
CA LYS A 8 1.63 3.46 -4.78
C LYS A 8 2.64 2.51 -4.05
N LEU A 9 2.18 1.82 -2.99
CA LEU A 9 3.03 0.90 -2.18
C LEU A 9 2.07 -0.12 -1.53
N ILE A 10 2.04 -1.37 -2.02
CA ILE A 10 1.17 -2.48 -1.48
C ILE A 10 1.31 -2.66 0.07
N CYS A 11 0.17 -2.70 0.80
CA CYS A 11 0.14 -2.87 2.29
C CYS A 11 0.42 -4.34 2.75
N THR A 12 1.69 -4.76 2.60
CA THR A 12 2.19 -6.10 2.97
C THR A 12 3.64 -5.95 3.53
N THR A 13 3.98 -6.77 4.54
CA THR A 13 5.32 -6.78 5.18
C THR A 13 6.31 -7.64 4.34
N ALA A 14 7.01 -6.94 3.44
CA ALA A 14 8.00 -7.54 2.53
C ALA A 14 9.17 -6.56 2.29
C ACE A 1 -0.24 3.25 9.20
O ACE A 1 0.36 4.31 9.09
CH3 ACE A 1 -0.96 2.87 10.49
H1 ACE A 1 -0.87 3.69 11.24
H2 ACE A 1 -2.04 2.71 10.32
H3 ACE A 1 -0.54 1.96 10.94
N ILE A 2 -0.33 2.33 8.22
CA ILE A 2 0.30 2.52 6.87
C ILE A 2 -0.79 3.14 5.97
N TRP A 3 -0.74 4.48 5.88
CA TRP A 3 -1.72 5.29 5.12
C TRP A 3 -1.14 5.69 3.74
N GLY A 4 -1.35 4.81 2.74
CA GLY A 4 -0.86 5.01 1.36
C GLY A 4 -0.61 3.64 0.71
C BCX A 5 -1.88 0.49 -2.76
N BCX A 5 -1.67 3.03 0.16
CB BCX A 5 -1.59 1.70 -0.48
CC BCX A 5 -2.30 0.66 0.45
CA BCX A 5 -2.18 1.74 -1.89
SG BCX A 5 -1.88 0.87 2.19
HB BCX A 5 -0.55 1.39 -0.64
O BCX A 5 -0.73 0.08 -2.91
HA1 BCX A 5 -1.74 2.60 -2.43
HA2 BCX A 5 -3.27 1.97 -1.84
H BCX A 5 -2.56 3.54 0.25
HB2 BCX A 5 -3.39 0.73 0.38
HB3 BCX A 5 -2.01 -0.36 0.17
N SER A 6 -2.92 0.01 -3.44
CA SER A 6 -2.75 -0.68 -4.75
C SER A 6 -2.52 0.39 -5.86
N GLY A 7 -1.24 0.73 -6.04
CA GLY A 7 -0.82 1.79 -6.98
C GLY A 7 0.46 2.49 -6.45
N LYS A 8 0.44 2.94 -5.17
CA LYS A 8 1.60 3.57 -4.50
C LYS A 8 2.61 2.45 -4.12
N LEU A 9 2.27 1.60 -3.13
CA LEU A 9 3.12 0.48 -2.64
C LEU A 9 2.16 -0.36 -1.77
N ILE A 10 1.87 -1.63 -2.16
CA ILE A 10 0.95 -2.54 -1.41
C ILE A 10 1.30 -2.67 0.11
N CYS A 11 0.28 -2.57 0.98
CA CYS A 11 0.47 -2.62 2.45
C CYS A 11 -0.22 -3.86 3.08
N THR A 12 0.58 -4.90 3.37
CA THR A 12 0.09 -6.16 3.99
C THR A 12 -0.06 -5.97 5.52
N THR A 13 -1.30 -5.74 5.96
CA THR A 13 -1.64 -5.50 7.39
C THR A 13 -2.96 -6.26 7.68
N ALA A 14 -2.84 -7.41 8.37
CA ALA A 14 -3.99 -8.26 8.74
C ALA A 14 -4.67 -7.82 10.06
C ACE A 1 6.09 2.93 3.56
O ACE A 1 5.77 3.45 2.48
CH3 ACE A 1 7.44 3.22 4.18
H1 ACE A 1 7.34 3.71 5.17
H2 ACE A 1 8.03 2.29 4.32
H3 ACE A 1 8.05 3.89 3.55
N ILE A 2 5.28 2.12 4.25
CA ILE A 2 3.91 1.73 3.80
C ILE A 2 2.84 2.73 4.32
N TRP A 3 2.76 3.91 3.69
CA TRP A 3 1.82 5.00 4.03
C TRP A 3 1.14 5.39 2.68
N GLY A 4 -0.06 4.83 2.45
CA GLY A 4 -0.81 5.03 1.19
C GLY A 4 -0.64 3.73 0.37
C BCX A 5 -1.97 0.49 -2.78
N BCX A 5 -1.72 2.96 0.23
CB BCX A 5 -1.67 1.66 -0.48
CC BCX A 5 -2.35 0.59 0.41
CA BCX A 5 -2.27 1.74 -1.90
SG BCX A 5 -1.99 0.78 2.17
HB BCX A 5 -0.63 1.35 -0.68
O BCX A 5 -0.83 0.06 -2.90
HA1 BCX A 5 -1.81 2.61 -2.42
HA2 BCX A 5 -3.35 1.98 -1.84
H BCX A 5 -2.55 3.28 0.74
HB2 BCX A 5 -3.45 0.63 0.31
HB3 BCX A 5 -2.03 -0.42 0.11
N SER A 6 -3.00 0.06 -3.50
CA SER A 6 -2.83 -0.64 -4.80
C SER A 6 -2.55 0.43 -5.90
N GLY A 7 -1.26 0.74 -6.07
CA GLY A 7 -0.80 1.79 -7.01
C GLY A 7 0.49 2.46 -6.47
N LYS A 8 0.46 2.94 -5.20
CA LYS A 8 1.63 3.56 -4.54
C LYS A 8 2.64 2.44 -4.10
N LEU A 9 2.24 1.61 -3.11
CA LEU A 9 3.08 0.50 -2.58
C LEU A 9 2.10 -0.36 -1.74
N ILE A 10 1.89 -1.64 -2.12
CA ILE A 10 0.98 -2.58 -1.38
C ILE A 10 1.32 -2.68 0.14
N CYS A 11 0.29 -2.58 1.01
CA CYS A 11 0.49 -2.63 2.48
C CYS A 11 -0.10 -3.92 3.09
N THR A 12 0.73 -4.97 3.17
CA THR A 12 0.33 -6.29 3.73
C THR A 12 0.47 -6.26 5.28
N THR A 13 -0.66 -6.09 5.98
CA THR A 13 -0.72 -6.02 7.46
C THR A 13 -1.97 -6.82 7.92
N ALA A 14 -1.74 -8.06 8.39
CA ALA A 14 -2.81 -8.96 8.87
C ALA A 14 -2.30 -9.82 10.05
C ACE A 1 -3.26 4.37 -5.37
O ACE A 1 -2.52 3.88 -4.51
CH3 ACE A 1 -4.48 3.61 -5.88
H1 ACE A 1 -4.67 2.72 -5.26
H2 ACE A 1 -5.40 4.22 -5.86
H3 ACE A 1 -4.31 3.25 -6.91
N ILE A 2 -3.09 5.60 -5.89
CA ILE A 2 -1.97 6.50 -5.50
C ILE A 2 -2.46 7.48 -4.39
N TRP A 3 -2.11 7.10 -3.15
CA TRP A 3 -2.47 7.81 -1.90
C TRP A 3 -1.67 7.37 -0.62
N GLY A 4 -1.27 6.10 -0.56
CA GLY A 4 -0.55 5.50 0.59
C GLY A 4 -0.37 4.00 0.29
C BCX A 5 -1.85 0.42 -2.28
N BCX A 5 -1.50 3.26 0.21
CB BCX A 5 -1.51 1.83 -0.15
CC BCX A 5 -2.17 0.97 0.96
CA BCX A 5 -2.20 1.71 -1.51
SG BCX A 5 -1.12 0.97 2.42
HB BCX A 5 -0.49 1.46 -0.33
O BCX A 5 -0.67 0.08 -2.44
HA1 BCX A 5 -1.87 2.54 -2.17
HA2 BCX A 5 -3.29 1.86 -1.40
H BCX A 5 -2.37 3.80 0.35
HB2 BCX A 5 -3.18 1.34 1.21
HB3 BCX A 5 -2.32 -0.07 0.61
N SER A 6 -2.87 -0.16 -2.90
CA SER A 6 -2.69 -0.95 -4.15
C SER A 6 -2.53 0.04 -5.35
N GLY A 7 -1.28 0.47 -5.56
CA GLY A 7 -0.90 1.45 -6.60
C GLY A 7 0.37 2.23 -6.19
N LYS A 8 0.40 2.79 -4.96
CA LYS A 8 1.56 3.53 -4.40
C LYS A 8 2.70 2.53 -4.01
N LEU A 9 2.45 1.70 -2.99
CA LEU A 9 3.38 0.68 -2.45
C LEU A 9 2.38 -0.34 -1.83
N ILE A 10 2.30 -1.57 -2.39
CA ILE A 10 1.35 -2.63 -1.92
C ILE A 10 1.37 -2.91 -0.38
N CYS A 11 0.33 -2.37 0.30
CA CYS A 11 0.14 -2.49 1.77
C CYS A 11 -1.36 -2.51 2.18
N THR A 12 -2.17 -3.40 1.57
CA THR A 12 -3.62 -3.53 1.85
C THR A 12 -3.85 -4.68 2.87
N THR A 13 -4.27 -4.32 4.10
CA THR A 13 -4.56 -5.30 5.18
C THR A 13 -5.82 -4.76 5.92
N ALA A 14 -6.87 -5.57 5.86
CA ALA A 14 -8.18 -5.28 6.49
C ALA A 14 -8.23 -5.70 7.98
C ACE A 1 -3.92 7.49 -5.45
O ACE A 1 -4.23 6.43 -4.88
CH3 ACE A 1 -5.01 8.39 -6.03
H1 ACE A 1 -6.02 7.95 -5.87
H2 ACE A 1 -5.00 9.38 -5.56
H3 ACE A 1 -4.88 8.53 -7.13
N ILE A 2 -2.67 7.93 -5.60
CA ILE A 2 -1.47 7.18 -5.09
C ILE A 2 -1.06 7.68 -3.67
N TRP A 3 -1.88 7.37 -2.65
CA TRP A 3 -1.65 7.78 -1.25
C TRP A 3 -2.13 6.66 -0.30
N GLY A 4 -1.20 6.14 0.52
CA GLY A 4 -1.49 5.05 1.49
C GLY A 4 -1.09 3.65 0.96
C BCX A 5 -1.93 0.49 -2.72
N BCX A 5 -1.99 3.06 0.16
CB BCX A 5 -1.77 1.72 -0.43
CC BCX A 5 -2.43 0.63 0.46
CA BCX A 5 -2.30 1.72 -1.87
SG BCX A 5 -2.07 0.81 2.22
HB BCX A 5 -0.69 1.50 -0.56
O BCX A 5 -0.76 0.13 -2.84
HA1 BCX A 5 -1.87 2.61 -2.40
HA2 BCX A 5 -3.40 1.93 -1.86
H BCX A 5 -2.79 3.65 -0.07
HB2 BCX A 5 -3.54 0.64 0.36
HB3 BCX A 5 -2.09 -0.38 0.16
N SER A 6 -2.94 -0.01 -3.44
CA SER A 6 -2.72 -0.71 -4.74
C SER A 6 -2.52 0.38 -5.83
N GLY A 7 -1.24 0.73 -6.03
CA GLY A 7 -0.84 1.81 -6.96
C GLY A 7 0.46 2.49 -6.44
N LYS A 8 0.45 2.96 -5.17
CA LYS A 8 1.63 3.58 -4.52
C LYS A 8 2.65 2.45 -4.13
N LEU A 9 2.29 1.60 -3.14
CA LEU A 9 3.11 0.48 -2.65
C LEU A 9 2.13 -0.36 -1.78
N ILE A 10 1.87 -1.63 -2.16
CA ILE A 10 0.94 -2.53 -1.41
C ILE A 10 1.29 -2.66 0.12
N CYS A 11 0.27 -2.54 0.98
CA CYS A 11 0.44 -2.59 2.45
C CYS A 11 -0.19 -3.88 3.03
N THR A 12 0.66 -4.90 3.29
CA THR A 12 0.23 -6.21 3.84
C THR A 12 -0.03 -6.09 5.38
N THR A 13 -1.32 -6.03 5.75
CA THR A 13 -1.75 -5.90 7.17
C THR A 13 -3.02 -6.79 7.35
N ALA A 14 -2.81 -7.98 7.96
CA ALA A 14 -3.91 -8.95 8.21
C ALA A 14 -4.59 -8.70 9.57
C ACE A 1 -3.92 7.41 8.99
O ACE A 1 -4.44 8.38 8.44
CH3 ACE A 1 -4.52 6.83 10.27
H1 ACE A 1 -5.43 7.36 10.57
H2 ACE A 1 -4.79 5.76 10.15
H3 ACE A 1 -3.80 6.91 11.12
N ILE A 2 -2.81 6.81 8.55
CA ILE A 2 -2.08 7.23 7.32
C ILE A 2 -1.52 5.92 6.69
N TRP A 3 -2.14 5.51 5.57
CA TRP A 3 -1.78 4.28 4.84
C TRP A 3 -1.83 4.59 3.31
N GLY A 4 -0.65 4.67 2.67
CA GLY A 4 -0.53 4.93 1.21
C GLY A 4 -0.36 3.60 0.46
C BCX A 5 -1.86 0.46 -2.80
N BCX A 5 -1.49 2.94 0.16
CB BCX A 5 -1.51 1.62 -0.51
CC BCX A 5 -2.22 0.60 0.42
CA BCX A 5 -2.12 1.71 -1.91
SG BCX A 5 -1.86 0.86 2.16
HB BCX A 5 -0.49 1.26 -0.69
O BCX A 5 -0.72 0.02 -2.97
HA1 BCX A 5 -1.67 2.57 -2.45
HA2 BCX A 5 -3.20 1.96 -1.84
H BCX A 5 -2.34 3.35 0.57
HB2 BCX A 5 -3.33 0.65 0.31
HB3 BCX A 5 -1.93 -0.43 0.16
N SER A 6 -2.92 0.04 -3.49
CA SER A 6 -2.79 -0.65 -4.81
C SER A 6 -2.55 0.44 -5.90
N GLY A 7 -1.25 0.76 -6.09
CA GLY A 7 -0.80 1.82 -7.02
C GLY A 7 0.46 2.51 -6.46
N LYS A 8 0.42 2.94 -5.17
CA LYS A 8 1.56 3.57 -4.47
C LYS A 8 2.59 2.45 -4.10
N LEU A 9 2.24 1.57 -3.13
CA LEU A 9 3.09 0.46 -2.67
C LEU A 9 2.15 -0.41 -1.77
N ILE A 10 1.90 -1.69 -2.15
CA ILE A 10 1.00 -2.61 -1.38
C ILE A 10 1.35 -2.68 0.15
N CYS A 11 0.33 -2.63 1.02
CA CYS A 11 0.52 -2.63 2.49
C CYS A 11 -0.24 -3.80 3.16
N THR A 12 0.51 -4.79 3.65
CA THR A 12 -0.06 -5.98 4.35
C THR A 12 -0.36 -5.61 5.84
N THR A 13 -1.63 -5.30 6.13
CA THR A 13 -2.08 -4.91 7.51
C THR A 13 -2.27 -6.13 8.47
N ALA A 14 -3.03 -7.18 8.08
CA ALA A 14 -3.25 -8.37 8.93
C ALA A 14 -2.15 -9.43 8.68
C ACE A 1 -0.96 8.33 8.68
O ACE A 1 -2.17 8.44 8.43
CH3 ACE A 1 -0.50 8.04 10.10
H1 ACE A 1 0.18 8.83 10.49
H2 ACE A 1 -1.35 7.97 10.80
H3 ACE A 1 0.04 7.06 10.16
N ILE A 2 0.02 8.46 7.77
CA ILE A 2 -0.24 8.75 6.33
C ILE A 2 0.20 7.49 5.54
N TRP A 3 -0.80 6.67 5.20
CA TRP A 3 -0.62 5.40 4.48
C TRP A 3 -0.97 5.56 2.97
N GLY A 4 0.07 5.56 2.12
CA GLY A 4 -0.08 5.67 0.65
C GLY A 4 -0.06 4.26 0.03
C BCX A 5 -1.91 0.80 -2.59
N BCX A 5 -1.23 3.60 0.02
CB BCX A 5 -1.37 2.22 -0.51
CC BCX A 5 -2.09 1.36 0.57
CA BCX A 5 -2.05 2.17 -1.87
SG BCX A 5 -1.30 1.50 2.19
HB BCX A 5 -0.37 1.78 -0.70
O BCX A 5 -0.82 0.23 -2.69
HA1 BCX A 5 -1.58 2.92 -2.53
HA2 BCX A 5 -3.10 2.50 -1.77
H BCX A 5 -1.98 4.07 0.52
HB2 BCX A 5 -3.15 1.66 0.67
HB3 BCX A 5 -2.09 0.29 0.27
N SER A 6 -2.99 0.39 -3.23
CA SER A 6 -2.94 -0.49 -4.43
C SER A 6 -2.57 0.38 -5.66
N GLY A 7 -1.25 0.50 -5.88
CA GLY A 7 -0.68 1.36 -6.96
C GLY A 7 0.59 2.09 -6.45
N LYS A 8 0.49 2.80 -5.31
CA LYS A 8 1.63 3.54 -4.69
C LYS A 8 2.62 2.53 -4.03
N LEU A 9 2.20 1.75 -3.01
CA LEU A 9 3.07 0.77 -2.31
C LEU A 9 2.09 -0.24 -1.65
N ILE A 10 2.03 -1.49 -2.14
CA ILE A 10 1.12 -2.55 -1.59
C ILE A 10 1.31 -2.78 -0.06
N CYS A 11 0.26 -2.48 0.73
CA CYS A 11 0.27 -2.59 2.20
C CYS A 11 -0.18 -4.00 2.69
N THR A 12 0.76 -4.95 2.68
CA THR A 12 0.53 -6.36 3.10
C THR A 12 0.68 -6.47 4.64
N THR A 13 -0.45 -6.65 5.34
CA THR A 13 -0.48 -6.78 6.83
C THR A 13 -1.54 -7.88 7.15
N ALA A 14 -1.04 -8.97 7.72
CA ALA A 14 -1.84 -10.14 8.12
C ALA A 14 -2.33 -9.99 9.58
C ACE A 1 -0.44 1.55 8.62
O ACE A 1 0.52 1.81 7.89
CH3 ACE A 1 -0.32 1.67 10.13
H1 ACE A 1 -1.12 2.30 10.56
H2 ACE A 1 -0.37 0.68 10.62
H3 ACE A 1 0.64 2.13 10.42
N ILE A 2 -1.64 1.14 8.17
CA ILE A 2 -1.96 0.95 6.72
C ILE A 2 -2.38 2.31 6.06
N TRP A 3 -1.37 3.15 5.75
CA TRP A 3 -1.58 4.50 5.17
C TRP A 3 -0.78 4.64 3.85
N GLY A 4 -1.50 4.84 2.74
CA GLY A 4 -0.89 4.97 1.38
C GLY A 4 -0.64 3.60 0.74
C BCX A 5 -1.89 0.48 -2.78
N BCX A 5 -1.69 3.01 0.14
CB BCX A 5 -1.61 1.67 -0.49
CC BCX A 5 -2.31 0.63 0.42
CA BCX A 5 -2.19 1.73 -1.91
SG BCX A 5 -1.94 0.86 2.17
HB BCX A 5 -0.57 1.36 -0.65
O BCX A 5 -0.74 0.06 -2.92
HA1 BCX A 5 -1.74 2.59 -2.44
HA2 BCX A 5 -3.27 1.97 -1.87
H BCX A 5 -2.57 3.53 0.21
HB2 BCX A 5 -3.41 0.69 0.33
HB3 BCX A 5 -2.01 -0.39 0.15
N SER A 6 -2.92 0.02 -3.48
CA SER A 6 -2.76 -0.67 -4.79
C SER A 6 -2.53 0.42 -5.88
N GLY A 7 -1.25 0.75 -6.08
CA GLY A 7 -0.81 1.83 -7.00
C GLY A 7 0.46 2.50 -6.45
N LYS A 8 0.43 2.95 -5.17
CA LYS A 8 1.59 3.57 -4.49
C LYS A 8 2.61 2.45 -4.11
N LEU A 9 2.26 1.58 -3.13
CA LEU A 9 3.08 0.46 -2.65
C LEU A 9 2.13 -0.40 -1.77
N ILE A 10 1.88 -1.67 -2.15
CA ILE A 10 0.96 -2.59 -1.39
C ILE A 10 1.32 -2.69 0.13
N CYS A 11 0.30 -2.57 1.01
CA CYS A 11 0.50 -2.60 2.47
C CYS A 11 -0.16 -3.85 3.12
N THR A 12 0.59 -4.96 3.15
CA THR A 12 0.12 -6.26 3.73
C THR A 12 0.25 -6.33 5.29
N THR A 13 1.46 -6.14 5.82
CA THR A 13 1.75 -6.19 7.29
C THR A 13 1.82 -4.78 7.96
N ALA A 14 2.57 -3.79 7.41
CA ALA A 14 2.66 -2.42 8.00
C ALA A 14 1.43 -1.57 7.65
#